data_8YLF
#
_entry.id   8YLF
#
_cell.length_a   62.389
_cell.length_b   62.389
_cell.length_c   77.254
_cell.angle_alpha   90.000
_cell.angle_beta   90.000
_cell.angle_gamma   120.000
#
_symmetry.space_group_name_H-M   'P 31 2 1'
#
loop_
_entity.id
_entity.type
_entity.pdbx_description
1 polymer 'MarR family transcriptional regulator'
2 water water
#
_entity_poly.entity_id   1
_entity_poly.type   'polypeptide(L)'
_entity_poly.pdbx_seq_one_letter_code
;SAKDPMDRAAHAVEQWRSERPDLDPSSMIVLGRLQEAALVIARDRLNPLFARYGLQPGEFDVLATLRRSGAPYALTPTAL
YDAAMISSGSMTNRIDRLEKAGWVERRANPADGRGTLVALTSAGRALIDDAVVAHVDNQRRVLSALSAAEQRQLAKLLDK
LLQGQAAEG
;
_entity_poly.pdbx_strand_id   A
#
# COMPACT_ATOMS: atom_id res chain seq x y z
N MET A 6 22.56 15.10 -4.67
CA MET A 6 21.31 15.20 -5.42
C MET A 6 20.75 13.82 -5.78
N ASP A 7 19.43 13.66 -5.66
CA ASP A 7 18.76 12.41 -6.01
C ASP A 7 18.33 12.45 -7.47
N ARG A 8 17.56 11.45 -7.91
CA ARG A 8 17.09 11.41 -9.29
C ARG A 8 16.33 12.68 -9.64
N ALA A 9 15.40 13.07 -8.78
CA ALA A 9 14.48 14.16 -9.11
C ALA A 9 15.20 15.49 -9.23
N ALA A 10 16.13 15.79 -8.31
CA ALA A 10 16.83 17.07 -8.37
C ALA A 10 17.78 17.10 -9.55
N HIS A 11 18.46 15.99 -9.83
CA HIS A 11 19.36 15.97 -10.98
C HIS A 11 18.58 16.17 -12.27
N ALA A 12 17.38 15.61 -12.36
CA ALA A 12 16.58 15.73 -13.58
C ALA A 12 16.08 17.16 -13.78
N VAL A 13 15.62 17.80 -12.70
CA VAL A 13 15.23 19.20 -12.79
C VAL A 13 16.40 20.07 -13.22
N GLU A 14 17.59 19.80 -12.67
CA GLU A 14 18.77 20.55 -13.08
C GLU A 14 19.00 20.43 -14.57
N GLN A 15 18.92 19.21 -15.11
CA GLN A 15 19.10 19.02 -16.55
C GLN A 15 18.01 19.73 -17.34
N TRP A 16 16.75 19.62 -16.90
CA TRP A 16 15.66 20.27 -17.62
C TRP A 16 15.83 21.78 -17.63
N ARG A 17 16.15 22.37 -16.47
CA ARG A 17 16.39 23.80 -16.42
C ARG A 17 17.48 24.21 -17.40
N SER A 18 18.51 23.37 -17.55
CA SER A 18 19.56 23.64 -18.52
C SER A 18 19.04 23.50 -19.95
N GLU A 19 18.29 22.43 -20.23
CA GLU A 19 17.93 22.12 -21.61
C GLU A 19 16.71 22.89 -22.10
N ARG A 20 15.74 23.14 -21.23
CA ARG A 20 14.49 23.80 -21.58
C ARG A 20 14.28 24.96 -20.63
N PRO A 21 15.11 26.00 -20.71
CA PRO A 21 14.95 27.14 -19.79
C PRO A 21 13.60 27.84 -19.95
N ASP A 22 12.89 27.58 -21.04
CA ASP A 22 11.52 28.06 -21.22
C ASP A 22 10.54 27.34 -20.31
N LEU A 23 10.97 26.26 -19.63
CA LEU A 23 10.13 25.42 -18.78
C LEU A 23 10.31 25.78 -17.33
N ASP A 24 9.23 25.66 -16.55
CA ASP A 24 9.37 25.65 -15.10
C ASP A 24 9.17 24.22 -14.62
N PRO A 25 10.24 23.48 -14.34
CA PRO A 25 10.10 22.06 -14.00
C PRO A 25 10.01 21.78 -12.50
N SER A 26 9.67 22.80 -11.72
CA SER A 26 9.75 22.69 -10.27
C SER A 26 8.87 21.56 -9.74
N SER A 27 7.65 21.44 -10.27
CA SER A 27 6.72 20.40 -9.83
C SER A 27 7.30 19.00 -9.92
N MET A 28 8.39 18.82 -10.67
CA MET A 28 8.96 17.48 -10.87
C MET A 28 9.61 16.93 -9.61
N ILE A 29 10.10 17.81 -8.72
CA ILE A 29 10.81 17.36 -7.53
C ILE A 29 9.86 16.60 -6.61
N VAL A 30 8.77 17.26 -6.19
CA VAL A 30 7.87 16.67 -5.20
C VAL A 30 7.19 15.44 -5.78
N LEU A 31 6.72 15.51 -7.04
CA LEU A 31 5.99 14.36 -7.58
C LEU A 31 6.94 13.24 -8.01
N GLY A 32 8.15 13.57 -8.46
CA GLY A 32 9.13 12.54 -8.73
C GLY A 32 9.56 11.82 -7.46
N ARG A 33 9.77 12.58 -6.37
CA ARG A 33 10.11 11.94 -5.10
C ARG A 33 8.93 11.16 -4.54
N LEU A 34 7.71 11.65 -4.74
CA LEU A 34 6.53 10.92 -4.27
C LEU A 34 6.46 9.55 -4.93
N GLN A 35 6.57 9.50 -6.26
CA GLN A 35 6.42 8.22 -6.95
C GLN A 35 7.62 7.32 -6.71
N GLU A 36 8.81 7.89 -6.66
CA GLU A 36 9.99 7.06 -6.36
C GLU A 36 9.94 6.49 -4.96
N ALA A 37 9.52 7.30 -3.97
CA ALA A 37 9.46 6.79 -2.61
C ALA A 37 8.43 5.68 -2.47
N ALA A 38 7.25 5.86 -3.09
CA ALA A 38 6.24 4.81 -3.02
C ALA A 38 6.76 3.53 -3.65
N LEU A 39 7.43 3.66 -4.81
CA LEU A 39 7.92 2.49 -5.53
C LEU A 39 9.01 1.76 -4.76
N VAL A 40 10.03 2.49 -4.28
CA VAL A 40 11.16 1.85 -3.62
C VAL A 40 10.72 1.19 -2.32
N ILE A 41 9.84 1.85 -1.58
CA ILE A 41 9.37 1.30 -0.31
C ILE A 41 8.56 0.03 -0.54
N ALA A 42 7.63 0.06 -1.52
CA ALA A 42 6.90 -1.14 -1.86
C ALA A 42 7.84 -2.24 -2.33
N ARG A 43 8.68 -1.92 -3.33
CA ARG A 43 9.50 -2.95 -3.97
C ARG A 43 10.52 -3.54 -3.01
N ASP A 44 11.22 -2.69 -2.26
CA ASP A 44 12.38 -3.12 -1.47
C ASP A 44 12.08 -3.37 0.00
N ARG A 45 10.93 -2.91 0.50
CA ARG A 45 10.68 -3.00 1.95
C ARG A 45 9.39 -3.75 2.28
N LEU A 46 8.26 -3.30 1.74
CA LEU A 46 6.98 -3.88 2.14
C LEU A 46 6.75 -5.22 1.45
N ASN A 47 6.87 -5.24 0.12
CA ASN A 47 6.59 -6.47 -0.62
C ASN A 47 7.49 -7.63 -0.24
N PRO A 48 8.80 -7.47 0.03
CA PRO A 48 9.56 -8.61 0.54
C PRO A 48 8.93 -9.22 1.78
N LEU A 49 8.46 -8.39 2.71
CA LEU A 49 7.85 -8.95 3.92
C LEU A 49 6.57 -9.71 3.59
N PHE A 50 5.72 -9.15 2.74
CA PHE A 50 4.52 -9.86 2.32
C PHE A 50 4.88 -11.19 1.70
N ALA A 51 5.94 -11.23 0.87
CA ALA A 51 6.33 -12.47 0.19
C ALA A 51 6.79 -13.54 1.17
N ARG A 52 7.36 -13.12 2.30
CA ARG A 52 7.73 -14.10 3.32
C ARG A 52 6.52 -14.78 3.90
N TYR A 53 5.33 -14.15 3.82
CA TYR A 53 4.09 -14.76 4.26
C TYR A 53 3.32 -15.39 3.11
N GLY A 54 3.93 -15.48 1.94
CA GLY A 54 3.27 -16.05 0.79
C GLY A 54 2.27 -15.13 0.11
N LEU A 55 2.38 -13.81 0.32
CA LEU A 55 1.39 -12.84 -0.12
C LEU A 55 1.98 -11.81 -1.07
N GLN A 56 1.21 -11.43 -2.09
CA GLN A 56 1.41 -10.19 -2.82
C GLN A 56 0.84 -9.02 -2.03
N PRO A 57 1.35 -7.79 -2.25
CA PRO A 57 0.84 -6.66 -1.44
C PRO A 57 -0.67 -6.49 -1.57
N GLY A 58 -1.19 -6.59 -2.79
CA GLY A 58 -2.63 -6.53 -2.97
C GLY A 58 -3.35 -7.60 -2.17
N GLU A 59 -2.77 -8.81 -2.13
CA GLU A 59 -3.40 -9.90 -1.38
C GLU A 59 -3.36 -9.64 0.12
N PHE A 60 -2.28 -9.06 0.63
CA PHE A 60 -2.23 -8.64 2.02
C PHE A 60 -3.38 -7.69 2.34
N ASP A 61 -3.61 -6.71 1.46
CA ASP A 61 -4.65 -5.70 1.69
C ASP A 61 -6.04 -6.35 1.80
N VAL A 62 -6.33 -7.33 0.94
CA VAL A 62 -7.62 -8.00 1.01
C VAL A 62 -7.78 -8.67 2.35
N LEU A 63 -6.77 -9.46 2.76
CA LEU A 63 -6.87 -10.16 4.04
C LEU A 63 -6.94 -9.17 5.20
N ALA A 64 -6.10 -8.12 5.15
CA ALA A 64 -6.14 -7.12 6.22
C ALA A 64 -7.48 -6.42 6.28
N THR A 65 -8.07 -6.13 5.12
CA THR A 65 -9.37 -5.45 5.12
C THR A 65 -10.44 -6.33 5.72
N LEU A 66 -10.44 -7.63 5.38
CA LEU A 66 -11.44 -8.54 5.96
C LEU A 66 -11.25 -8.67 7.46
N ARG A 67 -10.01 -8.87 7.90
CA ARG A 67 -9.75 -9.02 9.33
C ARG A 67 -10.19 -7.79 10.12
N ARG A 68 -9.83 -6.60 9.64
CA ARG A 68 -10.15 -5.45 10.48
C ARG A 68 -11.60 -5.05 10.38
N SER A 69 -12.37 -5.65 9.47
CA SER A 69 -13.79 -5.39 9.48
C SER A 69 -14.50 -6.08 10.63
N GLY A 70 -13.79 -6.88 11.42
CA GLY A 70 -14.38 -7.55 12.56
C GLY A 70 -15.09 -8.84 12.18
N ALA A 71 -15.31 -9.68 13.20
CA ALA A 71 -15.93 -10.98 12.97
C ALA A 71 -17.32 -10.78 12.38
N PRO A 72 -17.76 -11.67 11.46
CA PRO A 72 -17.10 -12.87 10.96
C PRO A 72 -16.10 -12.63 9.83
N TYR A 73 -15.62 -11.39 9.68
CA TYR A 73 -14.58 -11.07 8.70
C TYR A 73 -15.05 -11.36 7.29
N ALA A 74 -16.25 -10.88 6.98
CA ALA A 74 -16.91 -11.17 5.71
C ALA A 74 -17.46 -9.86 5.13
N LEU A 75 -17.09 -9.57 3.88
CA LEU A 75 -17.56 -8.36 3.22
C LEU A 75 -17.94 -8.69 1.78
N THR A 76 -18.89 -7.93 1.24
CA THR A 76 -19.16 -7.97 -0.19
C THR A 76 -17.91 -7.50 -0.93
N PRO A 77 -17.70 -7.94 -2.17
CA PRO A 77 -16.53 -7.44 -2.91
C PRO A 77 -16.52 -5.93 -3.03
N THR A 78 -17.70 -5.31 -3.12
CA THR A 78 -17.74 -3.85 -3.19
C THR A 78 -17.36 -3.20 -1.86
N ALA A 79 -17.90 -3.71 -0.74
CA ALA A 79 -17.45 -3.20 0.55
C ALA A 79 -15.97 -3.42 0.73
N LEU A 80 -15.45 -4.53 0.19
CA LEU A 80 -14.02 -4.83 0.29
C LEU A 80 -13.17 -3.76 -0.39
N TYR A 81 -13.56 -3.39 -1.62
CA TYR A 81 -12.84 -2.34 -2.34
C TYR A 81 -12.86 -1.01 -1.58
N ASP A 82 -14.04 -0.60 -1.12
CA ASP A 82 -14.14 0.70 -0.44
C ASP A 82 -13.34 0.73 0.86
N ALA A 83 -13.19 -0.40 1.55
CA ALA A 83 -12.49 -0.42 2.83
C ALA A 83 -11.01 -0.70 2.71
N ALA A 84 -10.52 -0.98 1.50
CA ALA A 84 -9.12 -1.34 1.32
C ALA A 84 -8.23 -0.16 1.68
N MET A 85 -7.01 -0.47 2.10
CA MET A 85 -6.02 0.58 2.32
C MET A 85 -5.68 1.29 1.02
N ILE A 86 -5.57 0.54 -0.08
CA ILE A 86 -5.13 1.04 -1.38
C ILE A 86 -6.20 0.73 -2.43
N SER A 87 -6.45 1.68 -3.33
CA SER A 87 -7.50 1.51 -4.33
C SER A 87 -6.98 0.90 -5.63
N SER A 88 -6.26 -0.21 -5.52
CA SER A 88 -5.73 -0.90 -6.71
C SER A 88 -6.82 -1.76 -7.35
N GLY A 89 -6.61 -2.08 -8.64
CA GLY A 89 -7.54 -2.89 -9.41
C GLY A 89 -7.20 -4.36 -9.38
N SER A 90 -7.70 -5.09 -10.39
CA SER A 90 -7.47 -6.53 -10.56
C SER A 90 -7.84 -7.32 -9.30
N MET A 91 -8.93 -6.92 -8.64
CA MET A 91 -9.28 -7.53 -7.37
C MET A 91 -9.94 -8.89 -7.55
N THR A 92 -10.75 -9.06 -8.60
CA THR A 92 -11.48 -10.32 -8.76
C THR A 92 -10.52 -11.49 -8.89
N ASN A 93 -9.46 -11.33 -9.70
CA ASN A 93 -8.48 -12.39 -9.82
C ASN A 93 -7.66 -12.52 -8.54
N ARG A 94 -7.51 -11.42 -7.80
CA ARG A 94 -6.84 -11.48 -6.51
C ARG A 94 -7.64 -12.30 -5.51
N ILE A 95 -8.96 -12.14 -5.51
CA ILE A 95 -9.81 -12.99 -4.68
C ILE A 95 -9.72 -14.44 -5.15
N ASP A 96 -9.75 -14.65 -6.46
CA ASP A 96 -9.62 -16.00 -7.00
C ASP A 96 -8.38 -16.70 -6.44
N ARG A 97 -7.24 -16.00 -6.50
CA ARG A 97 -5.99 -16.57 -5.99
C ARG A 97 -6.09 -16.89 -4.50
N LEU A 98 -6.70 -15.98 -3.73
CA LEU A 98 -6.77 -16.17 -2.28
C LEU A 98 -7.67 -17.35 -1.93
N GLU A 99 -8.76 -17.54 -2.67
CA GLU A 99 -9.58 -18.72 -2.45
C GLU A 99 -8.81 -20.00 -2.77
N LYS A 100 -8.07 -20.01 -3.87
CA LYS A 100 -7.30 -21.18 -4.25
C LYS A 100 -6.22 -21.50 -3.22
N ALA A 101 -5.69 -20.49 -2.54
CA ALA A 101 -4.66 -20.69 -1.53
C ALA A 101 -5.23 -21.14 -0.19
N GLY A 102 -6.54 -21.12 -0.02
CA GLY A 102 -7.17 -21.52 1.22
C GLY A 102 -7.38 -20.42 2.23
N TRP A 103 -7.21 -19.15 1.84
CA TRP A 103 -7.24 -18.03 2.78
C TRP A 103 -8.53 -17.25 2.81
N VAL A 104 -9.32 -17.27 1.74
CA VAL A 104 -10.64 -16.68 1.74
C VAL A 104 -11.62 -17.72 1.23
N GLU A 105 -12.89 -17.42 1.44
CA GLU A 105 -13.99 -18.29 1.06
C GLU A 105 -15.11 -17.43 0.52
N ARG A 106 -15.73 -17.87 -0.58
CA ARG A 106 -16.88 -17.16 -1.13
C ARG A 106 -18.17 -17.76 -0.57
N ARG A 107 -19.01 -16.91 0.01
CA ARG A 107 -20.26 -17.33 0.63
C ARG A 107 -21.37 -16.38 0.22
N ALA A 108 -22.59 -16.57 0.72
CA ALA A 108 -23.71 -15.75 0.27
C ALA A 108 -24.31 -14.87 1.39
N THR A 116 -23.53 -12.32 -2.10
CA THR A 116 -22.18 -12.88 -2.19
C THR A 116 -21.23 -12.17 -1.24
N LEU A 117 -20.52 -12.95 -0.43
CA LEU A 117 -19.58 -12.46 0.55
C LEU A 117 -18.20 -13.09 0.33
N VAL A 118 -17.16 -12.34 0.68
CA VAL A 118 -15.80 -12.86 0.77
C VAL A 118 -15.43 -12.87 2.25
N ALA A 119 -15.05 -14.03 2.76
CA ALA A 119 -14.77 -14.21 4.19
C ALA A 119 -13.41 -14.87 4.38
N LEU A 120 -12.69 -14.46 5.43
CA LEU A 120 -11.47 -15.17 5.82
C LEU A 120 -11.80 -16.61 6.16
N THR A 121 -10.92 -17.51 5.73
CA THR A 121 -10.91 -18.80 6.37
C THR A 121 -10.18 -18.70 7.69
N SER A 122 -10.24 -19.77 8.49
CA SER A 122 -9.44 -19.77 9.70
C SER A 122 -7.96 -19.66 9.37
N ALA A 123 -7.50 -20.38 8.34
CA ALA A 123 -6.09 -20.28 7.92
C ALA A 123 -5.76 -18.86 7.47
N GLY A 124 -6.69 -18.22 6.76
CA GLY A 124 -6.45 -16.84 6.36
C GLY A 124 -6.44 -15.89 7.53
N ARG A 125 -7.32 -16.11 8.51
CA ARG A 125 -7.30 -15.23 9.67
C ARG A 125 -6.01 -15.39 10.46
N ALA A 126 -5.57 -16.63 10.66
CA ALA A 126 -4.31 -16.84 11.38
C ALA A 126 -3.16 -16.19 10.63
N LEU A 127 -3.15 -16.31 9.30
CA LEU A 127 -2.07 -15.76 8.50
C LEU A 127 -1.98 -14.24 8.67
N ILE A 128 -3.11 -13.54 8.46
CA ILE A 128 -3.08 -12.07 8.52
C ILE A 128 -2.87 -11.57 9.96
N ASP A 129 -3.34 -12.33 10.96
CA ASP A 129 -3.03 -12.00 12.36
C ASP A 129 -1.52 -12.05 12.62
N ASP A 130 -0.85 -13.06 12.07
CA ASP A 130 0.62 -13.12 12.08
C ASP A 130 1.22 -11.97 11.27
N ALA A 131 0.81 -11.84 10.02
CA ALA A 131 1.49 -10.94 9.08
C ALA A 131 1.35 -9.47 9.49
N VAL A 132 0.21 -9.07 10.05
CA VAL A 132 0.02 -7.65 10.31
C VAL A 132 0.99 -7.15 11.39
N VAL A 133 1.35 -8.00 12.34
CA VAL A 133 2.34 -7.60 13.34
C VAL A 133 3.69 -7.36 12.68
N ALA A 134 4.14 -8.30 11.84
CA ALA A 134 5.40 -8.12 11.14
C ALA A 134 5.34 -6.91 10.22
N HIS A 135 4.18 -6.69 9.61
CA HIS A 135 4.00 -5.55 8.71
C HIS A 135 4.22 -4.24 9.44
N VAL A 136 3.58 -4.04 10.60
CA VAL A 136 3.69 -2.75 11.26
C VAL A 136 5.11 -2.54 11.77
N ASP A 137 5.74 -3.59 12.32
CA ASP A 137 7.15 -3.49 12.66
C ASP A 137 7.97 -3.08 11.45
N ASN A 138 7.71 -3.71 10.30
CA ASN A 138 8.42 -3.34 9.07
C ASN A 138 8.20 -1.87 8.73
N GLN A 139 6.95 -1.39 8.87
CA GLN A 139 6.65 0.00 8.53
C GLN A 139 7.39 0.97 9.43
N ARG A 140 7.50 0.66 10.72
CA ARG A 140 8.18 1.57 11.64
C ARG A 140 9.66 1.71 11.26
N ARG A 141 10.30 0.61 10.86
CA ARG A 141 11.69 0.71 10.43
C ARG A 141 11.80 1.51 9.14
N VAL A 142 10.82 1.35 8.23
CA VAL A 142 10.79 2.15 7.01
C VAL A 142 10.75 3.64 7.33
N LEU A 143 10.01 4.01 8.37
CA LEU A 143 9.75 5.41 8.69
C LEU A 143 10.73 5.98 9.69
N SER A 144 11.68 5.18 10.18
CA SER A 144 12.45 5.55 11.35
C SER A 144 13.36 6.73 11.11
N ALA A 145 13.66 7.07 9.85
CA ALA A 145 14.46 8.26 9.58
C ALA A 145 13.70 9.55 9.83
N LEU A 146 12.38 9.50 9.89
CA LEU A 146 11.56 10.66 10.21
C LEU A 146 11.18 10.64 11.68
N SER A 147 11.26 11.80 12.33
CA SER A 147 10.80 11.89 13.70
C SER A 147 9.28 11.74 13.74
N ALA A 148 8.74 11.62 14.95
CA ALA A 148 7.29 11.49 15.09
C ALA A 148 6.58 12.69 14.48
N ALA A 149 7.03 13.91 14.82
CA ALA A 149 6.43 15.10 14.25
C ALA A 149 6.60 15.17 12.73
N GLU A 150 7.72 14.65 12.21
CA GLU A 150 7.91 14.61 10.76
C GLU A 150 6.92 13.66 10.09
N GLN A 151 6.66 12.52 10.73
CA GLN A 151 5.68 11.59 10.17
C GLN A 151 4.28 12.19 10.20
N ARG A 152 3.88 12.78 11.33
CA ARG A 152 2.59 13.47 11.36
C ARG A 152 2.51 14.54 10.28
N GLN A 153 3.62 15.28 10.10
CA GLN A 153 3.69 16.34 9.11
C GLN A 153 3.53 15.79 7.70
N LEU A 154 4.23 14.69 7.41
CA LEU A 154 4.13 14.08 6.08
C LEU A 154 2.72 13.56 5.83
N ALA A 155 2.07 13.00 6.85
CA ALA A 155 0.72 12.47 6.68
C ALA A 155 -0.29 13.60 6.43
N LYS A 156 -0.07 14.77 7.04
CA LYS A 156 -0.96 15.89 6.81
C LYS A 156 -0.83 16.42 5.38
N LEU A 157 0.41 16.56 4.88
CA LEU A 157 0.61 17.05 3.52
C LEU A 157 0.05 16.06 2.49
N LEU A 158 0.32 14.76 2.67
CA LEU A 158 -0.22 13.77 1.75
C LEU A 158 -1.75 13.75 1.79
N ASP A 159 -2.34 14.01 2.96
CA ASP A 159 -3.80 14.07 3.04
C ASP A 159 -4.34 15.22 2.20
N LYS A 160 -3.71 16.38 2.30
CA LYS A 160 -4.16 17.55 1.55
C LYS A 160 -3.95 17.36 0.05
N LEU A 161 -2.80 16.81 -0.35
CA LEU A 161 -2.58 16.49 -1.75
C LEU A 161 -3.66 15.54 -2.26
N LEU A 162 -3.95 14.51 -1.47
CA LEU A 162 -4.88 13.46 -1.90
C LEU A 162 -6.28 14.03 -2.14
N GLN A 163 -6.78 14.83 -1.19
CA GLN A 163 -8.12 15.41 -1.32
C GLN A 163 -8.16 16.39 -2.48
N GLY A 164 -7.04 17.04 -2.80
CA GLY A 164 -6.94 17.84 -4.00
C GLY A 164 -7.09 17.07 -5.29
N GLN A 165 -7.12 15.74 -5.24
CA GLN A 165 -7.31 14.91 -6.43
C GLN A 165 -8.78 14.52 -6.55
#